data_3NEO
#
_entry.id   3NEO
#
_cell.length_a   42.770
_cell.length_b   84.910
_cell.length_c   64.440
_cell.angle_alpha   90.000
_cell.angle_beta   90.000
_cell.angle_gamma   90.000
#
_symmetry.space_group_name_H-M   'P 21 21 2'
#
loop_
_entity.id
_entity.type
_entity.pdbx_description
1 polymer Transthyretin
2 non-polymer '[4-(3-BENZYL-4-HYDROXYBENZYL)-3,5-DIMETHYLPHENOXY]ACETIC ACID'
3 water water
#
_entity_poly.entity_id   1
_entity_poly.type   'polypeptide(L)'
_entity_poly.pdbx_seq_one_letter_code
;CPLMVKVLDAVRGSPAINVAVHVFRKAADDTWEPFASGKTSESGELHGLTTEEEFVEGIYKVEIDTKSYWKALGISPFHE
HAEVVFTANDSGPRRYTIAALLSPYSYSTTAVVTNP
;
_entity_poly.pdbx_strand_id   A,B
#
loop_
_chem_comp.id
_chem_comp.type
_chem_comp.name
_chem_comp.formula
G24 non-polymer '[4-(3-BENZYL-4-HYDROXYBENZYL)-3,5-DIMETHYLPHENOXY]ACETIC ACID' 'C24 H24 O4'
#
# COMPACT_ATOMS: atom_id res chain seq x y z
N CYS A 1 -11.77 -20.79 -1.39
CA CYS A 1 -11.71 -19.79 -2.48
C CYS A 1 -10.27 -19.21 -2.64
N PRO A 2 -9.90 -18.78 -3.86
CA PRO A 2 -8.54 -18.42 -4.27
C PRO A 2 -8.01 -17.09 -3.74
N LEU A 3 -8.89 -16.19 -3.36
CA LEU A 3 -8.46 -14.89 -2.83
C LEU A 3 -9.31 -14.57 -1.62
N MET A 4 -8.67 -14.25 -0.50
CA MET A 4 -9.36 -13.91 0.73
C MET A 4 -8.62 -12.73 1.37
N VAL A 5 -9.38 -11.87 2.00
CA VAL A 5 -8.79 -10.69 2.61
C VAL A 5 -9.21 -10.66 4.08
N LYS A 6 -8.25 -10.41 4.97
CA LYS A 6 -8.52 -10.40 6.41
C LYS A 6 -8.00 -9.10 6.99
N VAL A 7 -8.84 -8.37 7.73
CA VAL A 7 -8.45 -7.07 8.23
C VAL A 7 -8.67 -6.96 9.75
N LEU A 8 -7.62 -6.52 10.43
CA LEU A 8 -7.64 -6.23 11.87
C LEU A 8 -7.47 -4.76 12.20
N ASP A 9 -8.03 -4.36 13.35
CA ASP A 9 -7.94 -3.03 13.90
C ASP A 9 -6.97 -3.03 15.10
N ALA A 10 -5.82 -2.36 14.97
CA ALA A 10 -4.80 -2.33 16.02
C ALA A 10 -5.12 -1.37 17.17
N VAL A 11 -6.15 -0.51 17.01
CA VAL A 11 -6.58 0.39 18.11
C VAL A 11 -7.56 -0.36 19.01
N ARG A 12 -8.47 -1.10 18.39
CA ARG A 12 -9.54 -1.78 19.12
C ARG A 12 -9.28 -3.25 19.39
N GLY A 13 -8.14 -3.77 18.93
CA GLY A 13 -7.84 -5.19 19.15
C GLY A 13 -9.01 -6.06 18.73
N SER A 14 -9.53 -5.79 17.53
CA SER A 14 -10.67 -6.52 17.03
C SER A 14 -10.55 -6.68 15.51
N PRO A 15 -11.37 -7.56 14.93
CA PRO A 15 -11.45 -7.55 13.48
C PRO A 15 -11.94 -6.19 13.00
N ALA A 16 -11.50 -5.77 11.81
CA ALA A 16 -12.02 -4.55 11.21
C ALA A 16 -13.27 -4.95 10.38
N ILE A 17 -14.45 -4.54 10.87
CA ILE A 17 -15.76 -5.01 10.37
C ILE A 17 -16.33 -3.99 9.37
N ASN A 18 -17.03 -4.48 8.33
N ASN A 18 -17.02 -4.48 8.33
CA ASN A 18 -17.66 -3.61 7.34
CA ASN A 18 -17.67 -3.63 7.33
C ASN A 18 -16.68 -2.71 6.57
C ASN A 18 -16.69 -2.73 6.55
N VAL A 19 -15.47 -3.21 6.33
CA VAL A 19 -14.50 -2.49 5.52
C VAL A 19 -14.69 -2.83 4.03
N ALA A 20 -14.83 -1.80 3.20
CA ALA A 20 -15.00 -2.03 1.77
C ALA A 20 -13.67 -2.39 1.12
N VAL A 21 -13.73 -3.34 0.19
CA VAL A 21 -12.53 -3.83 -0.47
C VAL A 21 -12.85 -3.93 -1.98
N HIS A 22 -11.99 -3.34 -2.81
CA HIS A 22 -12.22 -3.36 -4.26
C HIS A 22 -10.99 -3.97 -4.88
N VAL A 23 -11.22 -4.90 -5.81
CA VAL A 23 -10.14 -5.61 -6.48
C VAL A 23 -10.19 -5.27 -7.96
N PHE A 24 -9.03 -4.99 -8.53
CA PHE A 24 -8.91 -4.62 -9.94
C PHE A 24 -7.86 -5.52 -10.57
N ARG A 25 -7.94 -5.69 -11.88
CA ARG A 25 -6.96 -6.46 -12.60
C ARG A 25 -6.45 -5.60 -13.76
N LYS A 26 -5.14 -5.60 -13.99
CA LYS A 26 -4.55 -4.82 -15.07
C LYS A 26 -4.96 -5.40 -16.42
N ALA A 27 -5.60 -4.57 -17.24
CA ALA A 27 -6.03 -5.02 -18.56
C ALA A 27 -4.89 -4.96 -19.57
N ALA A 28 -5.12 -5.52 -20.75
CA ALA A 28 -4.17 -5.46 -21.87
C ALA A 28 -3.67 -4.04 -22.16
N ASP A 29 -4.54 -3.05 -22.04
CA ASP A 29 -4.20 -1.67 -22.40
C ASP A 29 -3.58 -0.93 -21.22
N ASP A 30 -3.10 -1.70 -20.24
CA ASP A 30 -2.46 -1.17 -19.02
C ASP A 30 -3.34 -0.40 -18.03
N THR A 31 -4.66 -0.44 -18.18
CA THR A 31 -5.55 0.25 -17.26
C THR A 31 -6.09 -0.74 -16.21
N TRP A 32 -6.51 -0.24 -15.06
CA TRP A 32 -7.13 -1.09 -14.03
C TRP A 32 -8.57 -1.41 -14.33
N GLU A 33 -8.89 -2.65 -14.61
CA GLU A 33 -10.28 -3.06 -14.76
C GLU A 33 -10.85 -3.57 -13.43
N PRO A 34 -12.11 -3.17 -13.10
CA PRO A 34 -12.80 -3.65 -11.90
C PRO A 34 -12.91 -5.17 -11.98
N PHE A 35 -12.52 -5.85 -10.92
CA PHE A 35 -12.49 -7.31 -10.91
C PHE A 35 -13.52 -7.93 -9.94
N ALA A 36 -13.53 -7.45 -8.69
CA ALA A 36 -14.52 -7.93 -7.73
C ALA A 36 -14.47 -6.97 -6.55
N SER A 37 -15.52 -6.94 -5.75
CA SER A 37 -15.46 -6.11 -4.54
C SER A 37 -16.33 -6.72 -3.47
N GLY A 38 -16.18 -6.23 -2.25
CA GLY A 38 -16.98 -6.73 -1.13
C GLY A 38 -16.71 -5.98 0.18
N LYS A 39 -17.32 -6.48 1.26
N LYS A 39 -17.34 -6.45 1.25
CA LYS A 39 -17.27 -5.89 2.60
CA LYS A 39 -17.12 -5.88 2.58
C LYS A 39 -16.76 -6.95 3.61
C LYS A 39 -16.67 -6.97 3.55
N THR A 40 -15.84 -6.60 4.49
CA THR A 40 -15.43 -7.56 5.51
C THR A 40 -16.58 -7.88 6.48
N SER A 41 -16.62 -9.10 6.95
CA SER A 41 -17.63 -9.55 7.86
C SER A 41 -17.35 -9.19 9.31
N GLU A 42 -18.14 -9.77 10.19
CA GLU A 42 -17.94 -9.55 11.58
C GLU A 42 -16.63 -10.11 12.09
N SER A 43 -16.07 -11.06 11.38
CA SER A 43 -14.76 -11.56 11.73
C SER A 43 -13.60 -10.84 11.00
N GLY A 44 -13.89 -9.77 10.30
CA GLY A 44 -12.94 -9.06 9.50
C GLY A 44 -12.50 -9.78 8.26
N GLU A 45 -13.26 -10.78 7.84
CA GLU A 45 -12.95 -11.58 6.65
C GLU A 45 -13.82 -11.29 5.43
N LEU A 46 -13.22 -11.40 4.27
CA LEU A 46 -13.90 -11.25 3.01
C LEU A 46 -13.61 -12.44 2.15
N HIS A 47 -14.58 -13.31 2.07
CA HIS A 47 -14.50 -14.54 1.26
C HIS A 47 -15.35 -14.40 -0.01
N GLY A 48 -15.16 -15.31 -0.96
CA GLY A 48 -16.06 -15.38 -2.11
C GLY A 48 -15.82 -14.27 -3.13
N LEU A 49 -14.68 -13.59 -3.08
CA LEU A 49 -14.47 -12.48 -4.03
C LEU A 49 -14.45 -13.04 -5.46
N THR A 50 -13.88 -14.23 -5.63
CA THR A 50 -13.67 -14.79 -6.95
C THR A 50 -13.67 -16.32 -6.97
N THR A 51 -13.43 -16.90 -8.14
CA THR A 51 -13.42 -18.36 -8.31
C THR A 51 -12.10 -18.76 -8.97
N GLU A 52 -11.78 -20.05 -8.91
CA GLU A 52 -10.56 -20.54 -9.55
C GLU A 52 -10.57 -20.27 -11.05
N GLU A 53 -11.74 -20.44 -11.70
CA GLU A 53 -11.91 -20.18 -13.15
C GLU A 53 -11.66 -18.70 -13.52
N GLU A 54 -12.19 -17.79 -12.73
CA GLU A 54 -12.18 -16.38 -13.05
C GLU A 54 -10.81 -15.72 -12.74
N PHE A 55 -10.12 -16.27 -11.73
CA PHE A 55 -8.90 -15.68 -11.15
C PHE A 55 -7.66 -16.13 -11.93
N VAL A 56 -7.51 -15.63 -13.13
CA VAL A 56 -6.44 -16.06 -14.03
C VAL A 56 -5.16 -15.29 -13.71
N GLU A 57 -4.07 -15.66 -14.39
CA GLU A 57 -2.79 -14.94 -14.22
C GLU A 57 -3.07 -13.50 -14.48
N GLY A 58 -2.39 -12.61 -13.74
CA GLY A 58 -2.44 -11.19 -14.04
C GLY A 58 -1.87 -10.38 -12.91
N ILE A 59 -1.88 -9.06 -13.03
CA ILE A 59 -1.47 -8.17 -11.94
C ILE A 59 -2.77 -7.64 -11.35
N TYR A 60 -2.89 -7.80 -10.04
CA TYR A 60 -4.13 -7.48 -9.34
C TYR A 60 -3.86 -6.36 -8.35
N LYS A 61 -4.87 -5.55 -8.07
CA LYS A 61 -4.75 -4.53 -7.06
C LYS A 61 -5.90 -4.72 -6.12
N VAL A 62 -5.59 -4.87 -4.85
CA VAL A 62 -6.58 -4.95 -3.79
C VAL A 62 -6.55 -3.64 -3.01
N GLU A 63 -7.66 -2.91 -3.08
N GLU A 63 -7.65 -2.89 -3.08
CA GLU A 63 -7.74 -1.62 -2.43
CA GLU A 63 -7.73 -1.59 -2.42
C GLU A 63 -8.68 -1.76 -1.24
C GLU A 63 -8.71 -1.58 -1.26
N ILE A 64 -8.16 -1.49 -0.04
CA ILE A 64 -8.93 -1.58 1.21
C ILE A 64 -9.28 -0.18 1.65
N ASP A 65 -10.57 0.09 1.76
CA ASP A 65 -11.02 1.43 2.10
C ASP A 65 -10.85 1.75 3.59
N THR A 66 -9.58 1.93 3.98
CA THR A 66 -9.26 2.24 5.38
C THR A 66 -9.86 3.58 5.85
N LYS A 67 -9.86 4.58 4.97
CA LYS A 67 -10.35 5.94 5.34
C LYS A 67 -11.80 5.96 5.83
N SER A 68 -12.72 5.34 5.07
CA SER A 68 -14.14 5.32 5.50
C SER A 68 -14.31 4.57 6.79
N TYR A 69 -13.54 3.50 6.95
CA TYR A 69 -13.52 2.75 8.20
C TYR A 69 -13.19 3.64 9.39
N TRP A 70 -12.03 4.32 9.37
CA TRP A 70 -11.66 5.19 10.49
C TRP A 70 -12.65 6.32 10.72
N LYS A 71 -13.15 6.89 9.63
CA LYS A 71 -14.08 8.03 9.72
C LYS A 71 -15.40 7.69 10.42
N ALA A 72 -15.99 6.54 10.07
CA ALA A 72 -17.16 6.01 10.80
C ALA A 72 -16.85 5.83 12.28
N LEU A 73 -15.61 5.52 12.63
CA LEU A 73 -15.22 5.50 14.06
C LEU A 73 -14.87 6.89 14.65
N GLY A 74 -14.93 7.94 13.83
CA GLY A 74 -14.69 9.33 14.32
C GLY A 74 -13.22 9.74 14.31
N ILE A 75 -12.40 8.92 13.67
CA ILE A 75 -10.98 9.18 13.57
C ILE A 75 -10.76 9.80 12.18
N SER A 76 -9.84 10.75 12.09
CA SER A 76 -9.36 11.23 10.79
C SER A 76 -8.03 10.54 10.49
N PRO A 77 -8.02 9.55 9.59
CA PRO A 77 -6.78 8.80 9.41
C PRO A 77 -5.85 9.50 8.42
N PHE A 78 -4.63 9.01 8.28
CA PHE A 78 -3.67 9.57 7.35
C PHE A 78 -3.90 9.08 5.93
N HIS A 79 -4.04 7.77 5.74
CA HIS A 79 -4.10 7.18 4.41
C HIS A 79 -5.49 7.25 3.78
N GLU A 80 -5.52 7.33 2.46
CA GLU A 80 -6.78 7.27 1.74
C GLU A 80 -7.29 5.83 1.71
N HIS A 81 -6.35 4.89 1.62
CA HIS A 81 -6.68 3.48 1.54
C HIS A 81 -5.40 2.70 1.81
N ALA A 82 -5.52 1.38 1.91
CA ALA A 82 -4.39 0.48 1.86
C ALA A 82 -4.49 -0.28 0.55
N GLU A 83 -3.39 -0.26 -0.21
N GLU A 83 -3.42 -0.27 -0.22
CA GLU A 83 -3.37 -0.86 -1.54
CA GLU A 83 -3.36 -0.82 -1.56
C GLU A 83 -2.28 -1.89 -1.67
C GLU A 83 -2.33 -1.92 -1.56
N VAL A 84 -2.66 -3.09 -2.09
CA VAL A 84 -1.74 -4.20 -2.28
C VAL A 84 -1.74 -4.57 -3.78
N VAL A 85 -0.57 -4.64 -4.42
CA VAL A 85 -0.53 -4.90 -5.88
C VAL A 85 0.43 -6.01 -6.12
N PHE A 86 -0.01 -7.07 -6.79
CA PHE A 86 0.81 -8.25 -6.92
C PHE A 86 0.51 -9.00 -8.21
N THR A 87 1.51 -9.71 -8.73
CA THR A 87 1.29 -10.66 -9.83
C THR A 87 0.75 -11.94 -9.21
N ALA A 88 -0.41 -12.38 -9.68
CA ALA A 88 -1.03 -13.60 -9.17
C ALA A 88 -0.93 -14.75 -10.20
N ASN A 89 -0.76 -15.98 -9.70
CA ASN A 89 -0.79 -17.22 -10.49
C ASN A 89 0.28 -17.40 -11.61
N ASP A 90 1.44 -16.76 -11.45
CA ASP A 90 2.50 -16.79 -12.46
C ASP A 90 3.11 -18.19 -12.65
N SER A 91 3.13 -19.02 -11.61
CA SER A 91 3.53 -20.44 -11.79
C SER A 91 2.37 -21.41 -11.61
N GLY A 92 1.18 -21.06 -12.04
CA GLY A 92 0.03 -21.91 -11.79
C GLY A 92 -0.81 -21.32 -10.66
N PRO A 93 -2.02 -21.87 -10.46
CA PRO A 93 -2.97 -21.36 -9.47
C PRO A 93 -2.47 -21.45 -8.02
N ARG A 94 -2.63 -20.37 -7.25
CA ARG A 94 -2.32 -20.38 -5.83
C ARG A 94 -3.53 -19.80 -5.06
N ARG A 95 -3.55 -19.99 -3.75
CA ARG A 95 -4.53 -19.38 -2.86
C ARG A 95 -3.86 -18.23 -2.12
N TYR A 96 -4.50 -17.06 -2.14
CA TYR A 96 -3.91 -15.87 -1.57
C TYR A 96 -4.78 -15.39 -0.44
N THR A 97 -4.16 -15.19 0.72
CA THR A 97 -4.74 -14.41 1.80
C THR A 97 -3.97 -13.10 1.94
N ILE A 98 -4.69 -11.99 1.83
CA ILE A 98 -4.12 -10.70 2.03
C ILE A 98 -4.57 -10.31 3.43
N ALA A 99 -3.61 -10.17 4.35
CA ALA A 99 -3.91 -9.78 5.73
C ALA A 99 -3.44 -8.35 5.88
N ALA A 100 -4.28 -7.51 6.48
CA ALA A 100 -3.94 -6.12 6.77
C ALA A 100 -4.20 -5.79 8.24
N LEU A 101 -3.33 -4.98 8.82
CA LEU A 101 -3.48 -4.51 10.19
C LEU A 101 -3.57 -2.99 10.12
N LEU A 102 -4.61 -2.42 10.70
CA LEU A 102 -4.86 -0.97 10.57
C LEU A 102 -4.71 -0.16 11.86
N SER A 103 -3.96 0.94 11.73
CA SER A 103 -3.94 2.04 12.70
C SER A 103 -4.19 3.34 11.93
N PRO A 104 -4.63 4.38 12.66
CA PRO A 104 -4.97 5.61 11.96
C PRO A 104 -3.85 6.18 11.10
N TYR A 105 -2.60 6.10 11.56
CA TYR A 105 -1.48 6.60 10.79
C TYR A 105 -0.53 5.52 10.24
N SER A 106 -0.95 4.27 10.30
CA SER A 106 -0.08 3.18 9.85
C SER A 106 -0.91 2.05 9.34
N TYR A 107 -0.37 1.28 8.41
CA TYR A 107 -0.91 -0.05 8.13
C TYR A 107 0.20 -0.97 7.70
N SER A 108 -0.07 -2.25 7.88
N SER A 108 0.00 -2.26 7.93
CA SER A 108 0.82 -3.28 7.44
CA SER A 108 0.91 -3.26 7.40
C SER A 108 -0.01 -4.18 6.54
C SER A 108 0.08 -4.28 6.67
N THR A 109 0.67 -4.87 5.62
CA THR A 109 0.01 -5.86 4.81
C THR A 109 0.96 -7.03 4.56
N THR A 110 0.40 -8.22 4.58
CA THR A 110 1.19 -9.41 4.33
CA THR A 110 1.16 -9.44 4.39
C THR A 110 0.37 -10.35 3.48
N ALA A 111 1.06 -11.28 2.83
CA ALA A 111 0.40 -12.19 1.95
C ALA A 111 0.76 -13.60 2.40
N VAL A 112 -0.25 -14.46 2.45
CA VAL A 112 -0.04 -15.90 2.66
C VAL A 112 -0.44 -16.56 1.36
N VAL A 113 0.51 -17.25 0.75
CA VAL A 113 0.34 -17.86 -0.55
C VAL A 113 0.57 -19.35 -0.41
N THR A 114 -0.44 -20.16 -0.72
CA THR A 114 -0.37 -21.60 -0.54
C THR A 114 -0.82 -22.30 -1.81
N ASN A 115 -0.31 -23.51 -2.00
CA ASN A 115 -0.53 -24.29 -3.19
C ASN A 115 -1.49 -25.41 -2.84
N PRO A 116 -2.75 -25.33 -3.33
CA PRO A 116 -3.68 -26.45 -3.03
C PRO A 116 -3.33 -27.69 -3.86
N CYS B 1 12.94 19.82 4.78
CA CYS B 1 11.97 19.79 3.65
C CYS B 1 10.61 19.23 4.12
N PRO B 2 9.53 19.54 3.37
CA PRO B 2 8.22 19.16 3.89
C PRO B 2 7.85 17.68 3.72
N LEU B 3 8.59 16.95 2.90
CA LEU B 3 8.29 15.55 2.68
C LEU B 3 9.56 14.73 2.54
N MET B 4 9.63 13.70 3.38
CA MET B 4 10.78 12.83 3.47
C MET B 4 10.30 11.37 3.49
N VAL B 5 11.08 10.49 2.89
CA VAL B 5 10.76 9.08 2.85
C VAL B 5 11.92 8.32 3.45
N LYS B 6 11.62 7.34 4.27
CA LYS B 6 12.62 6.53 4.96
C LYS B 6 12.21 5.08 4.82
N VAL B 7 13.10 4.25 4.26
CA VAL B 7 12.78 2.85 3.96
C VAL B 7 13.80 1.94 4.63
N LEU B 8 13.29 0.89 5.30
CA LEU B 8 14.12 -0.08 5.99
C LEU B 8 13.92 -1.50 5.44
N ASP B 9 14.93 -2.34 5.65
CA ASP B 9 14.93 -3.70 5.14
C ASP B 9 14.87 -4.63 6.35
N ALA B 10 13.77 -5.34 6.48
CA ALA B 10 13.52 -6.25 7.60
C ALA B 10 14.22 -7.60 7.49
N VAL B 11 14.78 -7.90 6.32
CA VAL B 11 15.47 -9.16 6.13
C VAL B 11 16.94 -9.02 6.55
N ARG B 12 17.58 -7.92 6.17
CA ARG B 12 18.99 -7.71 6.48
C ARG B 12 19.22 -6.84 7.72
N GLY B 13 18.18 -6.16 8.19
CA GLY B 13 18.32 -5.28 9.34
C GLY B 13 19.12 -4.02 8.99
N SER B 14 18.72 -3.39 7.91
CA SER B 14 19.51 -2.26 7.41
C SER B 14 18.64 -1.24 6.70
N PRO B 15 19.21 -0.06 6.42
CA PRO B 15 18.43 0.81 5.52
C PRO B 15 18.24 0.12 4.16
N ALA B 16 17.10 0.38 3.51
CA ALA B 16 16.94 -0.05 2.12
C ALA B 16 17.52 1.03 1.19
N ILE B 17 18.67 0.71 0.60
CA ILE B 17 19.46 1.65 -0.20
C ILE B 17 19.13 1.52 -1.70
N ASN B 18 19.15 2.64 -2.42
N ASN B 18 19.18 2.65 -2.42
CA ASN B 18 18.93 2.66 -3.86
CA ASN B 18 18.92 2.73 -3.87
C ASN B 18 17.54 2.18 -4.30
C ASN B 18 17.55 2.18 -4.29
N VAL B 19 16.56 2.43 -3.46
CA VAL B 19 15.17 2.12 -3.78
C VAL B 19 14.61 3.32 -4.53
N ALA B 20 14.06 3.07 -5.72
CA ALA B 20 13.42 4.10 -6.49
C ALA B 20 12.08 4.44 -5.86
N VAL B 21 11.80 5.73 -5.79
CA VAL B 21 10.59 6.23 -5.16
C VAL B 21 10.03 7.31 -6.08
N HIS B 22 8.75 7.20 -6.44
CA HIS B 22 8.11 8.20 -7.30
C HIS B 22 6.92 8.78 -6.54
N VAL B 23 6.77 10.10 -6.59
CA VAL B 23 5.65 10.76 -5.93
C VAL B 23 4.74 11.39 -6.96
N PHE B 24 3.45 11.25 -6.74
CA PHE B 24 2.43 11.76 -7.67
C PHE B 24 1.44 12.61 -6.89
N ARG B 25 0.89 13.63 -7.56
N ARG B 25 0.86 13.59 -7.59
CA ARG B 25 -0.24 14.37 -7.03
CA ARG B 25 -0.23 14.40 -7.08
C ARG B 25 -1.44 14.07 -7.91
C ARG B 25 -1.46 14.14 -7.93
N LYS B 26 -2.59 13.87 -7.28
CA LYS B 26 -3.84 13.61 -8.00
C LYS B 26 -4.33 14.90 -8.65
N ALA B 27 -4.57 14.86 -9.97
CA ALA B 27 -5.03 16.04 -10.72
C ALA B 27 -6.56 16.09 -10.80
N ALA B 28 -7.10 17.22 -11.27
CA ALA B 28 -8.57 17.47 -11.30
C ALA B 28 -9.41 16.36 -11.97
N ASP B 29 -8.83 15.72 -12.98
CA ASP B 29 -9.49 14.62 -13.70
C ASP B 29 -9.28 13.21 -13.08
N ASP B 30 -8.79 13.16 -11.83
CA ASP B 30 -8.54 11.91 -11.09
C ASP B 30 -7.36 11.06 -11.60
N THR B 31 -6.48 11.60 -12.44
CA THR B 31 -5.26 10.85 -12.78
C THR B 31 -4.08 11.30 -11.91
N TRP B 32 -3.06 10.46 -11.86
CA TRP B 32 -1.88 10.75 -11.09
C TRP B 32 -0.86 11.42 -11.95
N GLU B 33 -0.43 12.62 -11.59
CA GLU B 33 0.69 13.20 -12.32
C GLU B 33 1.99 13.17 -11.51
N PRO B 34 3.10 12.75 -12.15
CA PRO B 34 4.44 12.79 -11.55
C PRO B 34 4.66 14.15 -10.91
N PHE B 35 5.31 14.16 -9.76
CA PHE B 35 5.49 15.34 -8.92
C PHE B 35 6.97 15.41 -8.54
N ALA B 36 7.52 14.26 -8.14
CA ALA B 36 8.90 14.17 -7.68
C ALA B 36 9.33 12.71 -7.64
N SER B 37 10.64 12.48 -7.60
CA SER B 37 11.14 11.12 -7.46
C SER B 37 12.60 11.18 -7.04
N GLY B 38 13.13 10.03 -6.64
CA GLY B 38 14.55 9.90 -6.28
C GLY B 38 14.86 8.45 -5.92
N LYS B 39 16.09 8.20 -5.47
N LYS B 39 16.07 8.21 -5.42
CA LYS B 39 16.45 6.91 -4.90
CA LYS B 39 16.49 6.92 -4.92
C LYS B 39 16.85 7.15 -3.45
C LYS B 39 16.94 7.09 -3.47
N THR B 40 16.52 6.20 -2.58
CA THR B 40 16.95 6.29 -1.20
C THR B 40 18.49 6.28 -1.09
N SER B 41 19.03 7.03 -0.13
CA SER B 41 20.46 7.10 0.09
C SER B 41 20.98 5.88 0.81
N GLU B 42 22.27 5.91 1.17
CA GLU B 42 22.91 4.88 2.02
C GLU B 42 22.26 4.73 3.39
N SER B 43 21.49 5.71 3.81
CA SER B 43 20.81 5.63 5.09
C SER B 43 19.31 5.34 4.88
N GLY B 44 18.96 4.95 3.65
CA GLY B 44 17.57 4.60 3.32
C GLY B 44 16.67 5.82 3.31
N GLU B 45 17.24 7.00 3.14
CA GLU B 45 16.49 8.25 3.16
C GLU B 45 16.41 8.94 1.81
N LEU B 46 15.29 9.63 1.61
CA LEU B 46 15.11 10.42 0.40
C LEU B 46 14.58 11.78 0.84
N HIS B 47 15.44 12.80 0.67
CA HIS B 47 15.23 14.19 1.12
C HIS B 47 15.14 15.07 -0.13
N GLY B 48 14.64 16.29 0.03
CA GLY B 48 14.62 17.26 -1.07
C GLY B 48 13.70 16.85 -2.22
N LEU B 49 12.62 16.14 -1.90
CA LEU B 49 11.63 15.76 -2.90
C LEU B 49 10.84 16.95 -3.41
N THR B 50 10.58 17.91 -2.51
CA THR B 50 9.73 19.04 -2.83
C THR B 50 10.09 20.22 -1.92
N THR B 51 9.39 21.34 -2.08
CA THR B 51 9.58 22.50 -1.21
C THR B 51 8.25 22.90 -0.59
N GLU B 52 8.30 23.78 0.40
CA GLU B 52 7.10 24.29 1.02
C GLU B 52 6.15 24.96 0.02
N GLU B 53 6.70 25.79 -0.87
CA GLU B 53 5.93 26.47 -1.90
C GLU B 53 5.17 25.49 -2.82
N GLU B 54 5.82 24.38 -3.17
CA GLU B 54 5.25 23.44 -4.14
C GLU B 54 4.32 22.40 -3.52
N PHE B 55 4.55 22.08 -2.25
CA PHE B 55 3.79 21.04 -1.58
C PHE B 55 2.46 21.56 -1.01
N VAL B 56 1.52 21.80 -1.91
CA VAL B 56 0.23 22.31 -1.53
C VAL B 56 -0.71 21.19 -1.13
N GLU B 57 -1.83 21.56 -0.53
CA GLU B 57 -2.83 20.58 -0.11
C GLU B 57 -3.26 19.80 -1.35
N GLY B 58 -3.59 18.54 -1.16
CA GLY B 58 -3.92 17.68 -2.30
C GLY B 58 -3.76 16.22 -1.93
N ILE B 59 -4.01 15.34 -2.89
CA ILE B 59 -3.87 13.91 -2.60
C ILE B 59 -2.61 13.44 -3.29
N TYR B 60 -1.74 12.81 -2.50
CA TYR B 60 -0.44 12.39 -2.96
C TYR B 60 -0.31 10.89 -2.88
N LYS B 61 0.47 10.36 -3.81
CA LYS B 61 0.80 8.96 -3.81
C LYS B 61 2.31 8.82 -3.83
N VAL B 62 2.83 8.00 -2.93
CA VAL B 62 4.24 7.68 -2.87
C VAL B 62 4.39 6.23 -3.24
N GLU B 63 5.04 6.01 -4.37
CA GLU B 63 5.19 4.66 -4.91
C GLU B 63 6.63 4.19 -4.78
N ILE B 64 6.81 3.12 -4.02
CA ILE B 64 8.13 2.66 -3.68
C ILE B 64 8.40 1.38 -4.46
N ASP B 65 9.41 1.40 -5.31
CA ASP B 65 9.67 0.22 -6.15
C ASP B 65 10.34 -0.93 -5.37
N THR B 66 9.54 -1.61 -4.53
CA THR B 66 10.05 -2.71 -3.71
C THR B 66 10.52 -3.93 -4.56
N LYS B 67 9.81 -4.20 -5.66
CA LYS B 67 10.13 -5.36 -6.47
C LYS B 67 11.55 -5.33 -7.07
N SER B 68 11.95 -4.19 -7.66
CA SER B 68 13.34 -4.04 -8.16
C SER B 68 14.37 -4.18 -7.04
N TYR B 69 14.03 -3.68 -5.86
CA TYR B 69 14.91 -3.76 -4.71
C TYR B 69 15.15 -5.22 -4.29
N TRP B 70 14.08 -6.00 -4.12
CA TRP B 70 14.25 -7.42 -3.78
C TRP B 70 14.94 -8.18 -4.94
N LYS B 71 14.59 -7.85 -6.17
CA LYS B 71 15.21 -8.53 -7.30
C LYS B 71 16.73 -8.35 -7.33
N ALA B 72 17.20 -7.13 -7.01
CA ALA B 72 18.64 -6.87 -6.91
C ALA B 72 19.33 -7.67 -5.80
N LEU B 73 18.59 -7.98 -4.73
CA LEU B 73 19.10 -8.85 -3.68
C LEU B 73 18.96 -10.35 -3.98
N GLY B 74 18.37 -10.69 -5.11
CA GLY B 74 18.14 -12.10 -5.46
C GLY B 74 17.07 -12.80 -4.65
N ILE B 75 16.06 -12.02 -4.21
CA ILE B 75 14.97 -12.53 -3.40
C ILE B 75 13.63 -12.32 -4.12
N SER B 76 12.83 -13.37 -4.17
CA SER B 76 11.53 -13.35 -4.84
C SER B 76 10.54 -12.53 -3.99
N PRO B 77 9.95 -11.42 -4.53
CA PRO B 77 9.02 -10.68 -3.70
C PRO B 77 7.58 -10.87 -4.09
N PHE B 78 6.67 -10.50 -3.20
CA PHE B 78 5.25 -10.61 -3.51
C PHE B 78 4.73 -9.40 -4.26
N HIS B 79 5.00 -8.21 -3.73
CA HIS B 79 4.30 -7.01 -4.19
C HIS B 79 4.96 -6.44 -5.45
N GLU B 80 4.18 -5.82 -6.33
CA GLU B 80 4.77 -5.07 -7.45
C GLU B 80 5.53 -3.81 -6.97
N HIS B 81 5.05 -3.20 -5.91
CA HIS B 81 5.62 -1.97 -5.33
C HIS B 81 4.86 -1.77 -4.03
N ALA B 82 5.26 -0.78 -3.26
CA ALA B 82 4.49 -0.32 -2.12
C ALA B 82 3.98 1.10 -2.46
N GLU B 83 2.70 1.36 -2.19
CA GLU B 83 2.08 2.61 -2.60
C GLU B 83 1.37 3.24 -1.44
N VAL B 84 1.82 4.43 -1.04
CA VAL B 84 1.23 5.10 0.10
C VAL B 84 0.44 6.32 -0.38
N VAL B 85 -0.87 6.33 -0.16
CA VAL B 85 -1.71 7.41 -0.68
C VAL B 85 -2.32 8.15 0.48
N PHE B 86 -2.15 9.48 0.49
CA PHE B 86 -2.59 10.29 1.62
C PHE B 86 -3.04 11.69 1.20
N THR B 87 -3.82 12.36 2.07
CA THR B 87 -4.15 13.78 1.88
C THR B 87 -3.20 14.65 2.68
N ALA B 88 -2.51 15.55 2.05
CA ALA B 88 -1.70 16.52 2.74
C ALA B 88 -2.54 17.74 3.08
N ASN B 89 -2.70 18.02 4.38
CA ASN B 89 -3.63 19.01 4.90
C ASN B 89 -2.95 20.12 5.64
N ASP B 90 -3.19 21.36 5.28
CA ASP B 90 -2.53 22.42 6.01
C ASP B 90 -3.06 22.62 7.42
N SER B 91 -2.15 22.85 8.34
CA SER B 91 -2.46 23.25 9.72
C SER B 91 -1.15 23.61 10.42
N ARG B 94 3.97 21.75 8.80
CA ARG B 94 3.76 20.32 8.98
C ARG B 94 4.67 19.50 8.06
N ARG B 95 5.66 18.84 8.65
CA ARG B 95 6.59 18.02 7.90
C ARG B 95 6.13 16.57 7.90
N TYR B 96 6.19 15.92 6.74
CA TYR B 96 5.72 14.55 6.60
C TYR B 96 6.90 13.62 6.39
N THR B 97 7.01 12.59 7.25
CA THR B 97 7.94 11.51 7.04
C THR B 97 7.09 10.28 6.78
N ILE B 98 7.36 9.64 5.66
CA ILE B 98 6.67 8.41 5.33
C ILE B 98 7.72 7.36 5.56
N ALA B 99 7.50 6.48 6.53
CA ALA B 99 8.46 5.40 6.79
C ALA B 99 7.86 4.09 6.30
N ALA B 100 8.70 3.23 5.75
CA ALA B 100 8.26 1.95 5.27
C ALA B 100 9.24 0.88 5.68
N LEU B 101 8.70 -0.27 6.07
CA LEU B 101 9.50 -1.39 6.50
C LEU B 101 9.23 -2.49 5.54
N LEU B 102 10.25 -2.98 4.86
CA LEU B 102 10.04 -3.94 3.79
C LEU B 102 10.47 -5.36 4.13
N SER B 103 9.59 -6.32 3.80
CA SER B 103 9.90 -7.76 3.76
C SER B 103 9.41 -8.28 2.43
N PRO B 104 9.91 -9.47 1.99
CA PRO B 104 9.54 -9.84 0.62
C PRO B 104 8.05 -10.03 0.42
N TYR B 105 7.38 -10.59 1.43
CA TYR B 105 5.94 -10.80 1.36
C TYR B 105 5.10 -9.88 2.24
N SER B 106 5.71 -8.85 2.81
CA SER B 106 4.99 -7.92 3.66
C SER B 106 5.60 -6.54 3.57
N TYR B 107 4.78 -5.52 3.78
CA TYR B 107 5.38 -4.23 4.08
C TYR B 107 4.46 -3.49 5.04
N SER B 108 5.07 -2.58 5.79
N SER B 108 5.05 -2.59 5.81
CA SER B 108 4.35 -1.67 6.63
CA SER B 108 4.30 -1.68 6.65
C SER B 108 4.74 -0.24 6.30
C SER B 108 4.75 -0.26 6.38
N THR B 109 3.83 0.68 6.55
CA THR B 109 4.16 2.08 6.33
C THR B 109 3.51 2.87 7.43
N THR B 110 4.20 3.91 7.88
N THR B 110 4.19 3.89 7.92
CA THR B 110 3.68 4.78 8.91
CA THR B 110 3.57 4.78 8.89
C THR B 110 3.93 6.20 8.48
C THR B 110 3.96 6.19 8.54
N ALA B 111 3.15 7.14 9.01
CA ALA B 111 3.39 8.55 8.76
C ALA B 111 3.78 9.23 10.06
N VAL B 112 4.84 10.01 9.99
CA VAL B 112 5.23 10.90 11.10
C VAL B 112 4.97 12.32 10.62
N VAL B 113 4.00 12.95 11.28
CA VAL B 113 3.51 14.25 10.89
C VAL B 113 3.82 15.18 12.07
N THR B 114 4.79 16.09 11.86
CA THR B 114 5.29 16.96 12.95
C THR B 114 5.15 18.46 12.64
N ASN B 115 5.11 19.25 13.71
CA ASN B 115 5.00 20.70 13.65
C ASN B 115 6.38 21.34 13.87
N PRO B 116 6.90 22.05 12.84
CA PRO B 116 8.06 22.95 13.04
C PRO B 116 7.73 24.09 14.01
CAF G24 C . 0.69 -9.76 13.07
CAB G24 C . 1.13 -8.58 13.66
CAC G24 C . 1.17 -7.38 12.93
CAD G24 C . 0.76 -7.40 11.60
CAH G24 C . 0.31 -8.63 11.02
CAG G24 C . 0.26 -9.73 11.75
CAQ G24 C . -0.21 -10.95 10.98
CAP G24 C . -1.71 -10.99 10.69
CAO G24 C . -2.20 -12.21 11.02
CBA G24 C . -2.59 -10.02 10.17
OBC G24 C . -2.17 -8.78 9.78
CAZ G24 C . -3.93 -10.35 9.99
CAY G24 C . -4.42 -11.61 10.33
CAN G24 C . -3.52 -12.53 10.85
CAM G24 C . -3.80 -13.92 11.29
CAL G24 C . -5.11 -14.45 10.84
CAX G24 C . -6.12 -14.54 11.78
CBB G24 C . -5.85 -14.04 13.20
CAW G24 C . -7.35 -15.05 11.43
CAK G24 C . -5.30 -14.89 9.55
CAE G24 C . -4.16 -14.79 8.53
CAJ G24 C . -6.53 -15.41 9.19
CAV G24 C . -7.55 -15.49 10.12
OAU G24 C . -8.74 -16.00 9.74
CAT G24 C . -8.69 -16.24 8.34
CAS G24 C . -8.43 -17.71 7.99
OAR G24 C . -9.41 -18.39 7.63
OAI G24 C . -7.27 -18.14 8.08
CAF G24 D . 7.08 -0.14 11.42
CAB G24 D . 5.76 -0.26 11.04
CAC G24 D . 5.29 0.41 9.91
CAD G24 D . 6.17 1.20 9.18
CAH G24 D . 7.49 1.33 9.57
CAG G24 D . 7.96 0.67 10.70
CAQ G24 D . 9.44 0.78 11.11
CAP G24 D . 9.94 2.09 11.82
CAO G24 D . 10.78 2.96 11.14
CBA G24 D . 9.63 2.41 13.14
OBC G24 D . 8.84 1.56 13.83
CAZ G24 D . 10.15 3.58 13.73
CAY G24 D . 10.98 4.45 13.00
CAN G24 D . 11.30 4.13 11.69
CAM G24 D . 12.21 5.00 10.79
CAL G24 D . 13.11 6.09 11.43
CAX G24 D . 12.67 7.42 11.40
CBB G24 D . 11.32 7.74 10.77
CAW G24 D . 13.43 8.45 11.92
CAK G24 D . 14.37 5.86 12.01
CAE G24 D . 14.94 4.43 12.07
CAJ G24 D . 15.14 6.91 12.53
CAV G24 D . 14.66 8.22 12.51
OAU G24 D . 15.37 9.28 12.99
CAT G24 D . 15.85 10.11 11.88
CAS G24 D . 14.84 11.10 11.24
OAR G24 D . 13.85 11.42 11.91
OAI G24 D . 15.09 11.55 10.10
#